data_5IUT
#
_entry.id   5IUT
#
_cell.length_a   91.165
_cell.length_b   91.165
_cell.length_c   151.137
_cell.angle_alpha   90.00
_cell.angle_beta   90.00
_cell.angle_gamma   120.00
#
_symmetry.space_group_name_H-M   'P 31 2 1'
#
loop_
_entity.id
_entity.type
_entity.pdbx_description
1 polymer 'Cytochrome P450 2B4'
2 non-polymer 'PROTOPORPHYRIN IX CONTAINING FE'
3 non-polymer 3,6,9,12,15,18-hexaoxahexacosan-1-ol
4 water water
#
_entity_poly.entity_id   1
_entity_poly.type   'polypeptide(L)'
_entity_poly.pdbx_seq_one_letter_code
;MAKKTSSKGKLPPGPSPLPVLGNLLQMDRKGLLRSFLRLREKYGDVFTVYLGSRPVVVLCGTDAIREALVDQAEAFSGRG
KIAVVDPIFQGYGVIFANGERWRALRRFSLATMRDFGMGKRSVEERIQEEARCLVEELRKSKGALLDNTLLFHSITSNII
CSIVFGKRFDYKDPVFLRLLDLWFQSFSLISSFSSQVFELFSGFLKYFPGTHRQIYRNLQEINTFIGQSVEKHRATLDPS
NPRDFIDVYLLRMEKDKSDPSSEFHHQNLILTVLSLFFAGTETTSTTLRYGFLLMLKYPHVTERVQKEIEQVIGSHRPPA
LDDRAKMPYTDAVIHEIQRLGDLIPFGVPHTVTKDTQFRGYVIPKNTEVFPVLSSALHDPRYFETPNTFNPGHFLDANGA
LKRNEGFMPFSLGKRICLGEGIARTELFLFFTTILQNFSIASPVPPEDIDLTPRESGVGNVPPSYQIRFLARHHHHHH
;
_entity_poly.pdbx_strand_id   A
#
# COMPACT_ATOMS: atom_id res chain seq x y z
N LYS A 10 -20.26 -7.77 -26.63
CA LYS A 10 -18.84 -8.04 -26.26
C LYS A 10 -18.58 -7.73 -24.77
N LEU A 11 -18.64 -6.46 -24.39
CA LEU A 11 -18.34 -6.04 -23.00
C LEU A 11 -19.28 -6.68 -21.98
N PRO A 12 -18.77 -6.93 -20.75
CA PRO A 12 -19.64 -7.39 -19.66
C PRO A 12 -20.85 -6.47 -19.43
N PRO A 13 -21.91 -7.00 -18.80
CA PRO A 13 -23.14 -6.24 -18.63
C PRO A 13 -22.96 -5.14 -17.60
N GLY A 14 -23.92 -4.21 -17.55
CA GLY A 14 -23.89 -3.12 -16.58
C GLY A 14 -24.94 -2.08 -16.85
N PRO A 15 -25.04 -1.06 -15.97
CA PRO A 15 -26.03 0.01 -16.16
C PRO A 15 -25.75 0.84 -17.41
N SER A 16 -26.81 1.19 -18.13
CA SER A 16 -26.69 1.96 -19.36
C SER A 16 -26.11 3.34 -19.04
N PRO A 17 -25.00 3.70 -19.72
CA PRO A 17 -24.36 4.98 -19.45
C PRO A 17 -25.01 6.14 -20.21
N LEU A 18 -25.00 7.31 -19.58
CA LEU A 18 -25.35 8.55 -20.27
C LEU A 18 -24.11 9.01 -21.03
N PRO A 19 -24.29 9.84 -22.08
CA PRO A 19 -23.10 10.39 -22.74
C PRO A 19 -22.38 11.38 -21.81
N VAL A 20 -21.06 11.48 -21.95
CA VAL A 20 -20.23 12.40 -21.15
C VAL A 20 -20.14 12.03 -19.66
N LEU A 21 -21.29 11.84 -19.01
CA LEU A 21 -21.35 11.55 -17.57
C LEU A 21 -21.24 10.07 -17.21
N GLY A 22 -21.57 9.18 -18.14
CA GLY A 22 -21.54 7.74 -17.87
C GLY A 22 -22.54 7.32 -16.82
N ASN A 23 -22.11 6.46 -15.90
CA ASN A 23 -22.95 5.97 -14.82
C ASN A 23 -22.79 6.79 -13.54
N LEU A 24 -22.65 8.11 -13.70
CA LEU A 24 -22.51 9.03 -12.57
C LEU A 24 -23.69 8.93 -11.62
N LEU A 25 -24.89 9.01 -12.19
CA LEU A 25 -26.12 9.06 -11.38
C LEU A 25 -26.58 7.68 -10.87
N GLN A 26 -25.83 6.62 -11.18
CA GLN A 26 -26.21 5.26 -10.75
C GLN A 26 -25.59 4.90 -9.39
N MET A 27 -25.47 5.90 -8.52
CA MET A 27 -24.77 5.78 -7.23
C MET A 27 -25.13 7.05 -6.40
N ASP A 28 -24.58 7.26 -5.19
CA ASP A 28 -23.63 6.37 -4.51
C ASP A 28 -24.11 5.87 -3.14
N ARG A 29 -24.90 6.69 -2.44
CA ARG A 29 -25.57 6.29 -1.19
C ARG A 29 -24.54 6.01 -0.08
N LYS A 30 -24.37 4.74 0.32
CA LYS A 30 -23.43 4.36 1.37
C LYS A 30 -21.97 4.64 0.98
N GLY A 31 -21.64 4.46 -0.30
CA GLY A 31 -20.31 4.77 -0.82
C GLY A 31 -20.02 4.10 -2.15
N LEU A 32 -18.84 4.40 -2.70
CA LEU A 32 -18.39 3.80 -3.96
C LEU A 32 -18.26 2.28 -3.85
N LEU A 33 -17.87 1.80 -2.67
CA LEU A 33 -17.78 0.36 -2.39
C LEU A 33 -19.18 -0.25 -2.33
N ARG A 34 -20.08 0.40 -1.60
CA ARG A 34 -21.48 -0.05 -1.47
C ARG A 34 -22.21 -0.03 -2.81
N SER A 35 -21.83 0.90 -3.68
CA SER A 35 -22.39 0.99 -5.03
C SER A 35 -21.96 -0.22 -5.85
N PHE A 36 -20.66 -0.48 -5.86
CA PHE A 36 -20.11 -1.65 -6.55
C PHE A 36 -20.70 -2.94 -5.99
N LEU A 37 -20.82 -3.02 -4.67
CA LEU A 37 -21.47 -4.16 -4.01
C LEU A 37 -22.93 -4.31 -4.43
N ARG A 38 -23.63 -3.18 -4.54
CA ARG A 38 -25.02 -3.16 -5.01
C ARG A 38 -25.09 -3.49 -6.50
N LEU A 39 -24.22 -2.86 -7.30
CA LEU A 39 -24.11 -3.16 -8.74
C LEU A 39 -23.81 -4.64 -8.96
N ARG A 40 -22.90 -5.19 -8.17
CA ARG A 40 -22.53 -6.60 -8.26
C ARG A 40 -23.73 -7.51 -8.05
N GLU A 41 -24.55 -7.17 -7.05
CA GLU A 41 -25.70 -8.01 -6.68
C GLU A 41 -26.76 -8.11 -7.79
N LYS A 42 -26.76 -7.15 -8.72
CA LYS A 42 -27.62 -7.20 -9.90
C LYS A 42 -26.92 -7.86 -11.07
N TYR A 43 -25.78 -7.30 -11.49
CA TYR A 43 -25.14 -7.67 -12.76
C TYR A 43 -24.22 -8.90 -12.67
N GLY A 44 -23.81 -9.26 -11.47
CA GLY A 44 -22.93 -10.42 -11.25
C GLY A 44 -21.54 -10.02 -10.77
N ASP A 45 -20.61 -10.97 -10.85
CA ASP A 45 -19.25 -10.75 -10.35
C ASP A 45 -18.35 -9.97 -11.32
N VAL A 46 -18.77 -9.86 -12.58
CA VAL A 46 -18.05 -9.08 -13.58
C VAL A 46 -19.03 -8.17 -14.31
N PHE A 47 -18.81 -6.86 -14.21
CA PHE A 47 -19.69 -5.89 -14.87
C PHE A 47 -18.93 -4.65 -15.36
N THR A 48 -19.55 -3.95 -16.30
CA THR A 48 -18.99 -2.77 -16.92
C THR A 48 -19.64 -1.51 -16.34
N VAL A 49 -18.81 -0.56 -15.90
CA VAL A 49 -19.30 0.73 -15.43
C VAL A 49 -18.57 1.83 -16.18
N TYR A 50 -19.26 2.95 -16.39
CA TYR A 50 -18.69 4.07 -17.14
C TYR A 50 -18.31 5.23 -16.21
N LEU A 51 -17.01 5.52 -16.14
CA LEU A 51 -16.50 6.69 -15.44
C LEU A 51 -16.36 7.82 -16.47
N GLY A 52 -17.36 8.69 -16.52
CA GLY A 52 -17.48 9.62 -17.62
C GLY A 52 -17.79 8.83 -18.88
N SER A 53 -16.96 8.99 -19.91
CA SER A 53 -17.10 8.21 -21.13
C SER A 53 -16.24 6.94 -21.14
N ARG A 54 -15.35 6.81 -20.13
CA ARG A 54 -14.45 5.65 -20.03
C ARG A 54 -15.15 4.41 -19.46
N PRO A 55 -15.13 3.29 -20.21
CA PRO A 55 -15.64 2.04 -19.68
C PRO A 55 -14.61 1.35 -18.80
N VAL A 56 -15.07 0.80 -17.67
CA VAL A 56 -14.21 0.07 -16.76
C VAL A 56 -14.87 -1.26 -16.39
N VAL A 57 -14.10 -2.34 -16.47
CA VAL A 57 -14.59 -3.65 -16.05
C VAL A 57 -14.24 -3.88 -14.59
N VAL A 58 -15.25 -4.21 -13.78
CA VAL A 58 -15.06 -4.41 -12.35
C VAL A 58 -15.05 -5.91 -12.06
N LEU A 59 -13.98 -6.38 -11.43
CA LEU A 59 -13.87 -7.78 -11.01
C LEU A 59 -14.20 -7.87 -9.53
N CYS A 60 -15.27 -8.61 -9.20
CA CYS A 60 -15.71 -8.83 -7.82
C CYS A 60 -15.60 -10.29 -7.41
N GLY A 61 -15.20 -10.52 -6.16
CA GLY A 61 -15.08 -11.88 -5.63
C GLY A 61 -13.76 -12.55 -6.01
N THR A 62 -13.29 -13.42 -5.12
CA THR A 62 -12.03 -14.13 -5.26
C THR A 62 -11.88 -14.84 -6.61
N ASP A 63 -12.89 -15.62 -7.00
CA ASP A 63 -12.81 -16.42 -8.22
C ASP A 63 -12.53 -15.56 -9.45
N ALA A 64 -13.30 -14.49 -9.62
CA ALA A 64 -13.16 -13.63 -10.79
C ALA A 64 -11.81 -12.90 -10.84
N ILE A 65 -11.33 -12.46 -9.68
CA ILE A 65 -10.05 -11.74 -9.60
C ILE A 65 -8.88 -12.68 -9.85
N ARG A 66 -8.93 -13.85 -9.21
CA ARG A 66 -7.98 -14.93 -9.46
C ARG A 66 -8.00 -15.33 -10.94
N GLU A 67 -9.19 -15.53 -11.49
CA GLU A 67 -9.34 -15.91 -12.91
C GLU A 67 -8.74 -14.89 -13.88
N ALA A 68 -8.79 -13.60 -13.53
CA ALA A 68 -8.23 -12.57 -14.40
C ALA A 68 -6.73 -12.37 -14.14
N LEU A 69 -6.38 -12.11 -12.88
CA LEU A 69 -5.00 -11.70 -12.56
C LEU A 69 -4.01 -12.87 -12.53
N VAL A 70 -4.46 -14.06 -12.15
CA VAL A 70 -3.58 -15.24 -12.12
C VAL A 70 -3.71 -16.06 -13.41
N ASP A 71 -4.90 -16.59 -13.66
CA ASP A 71 -5.10 -17.50 -14.80
C ASP A 71 -4.86 -16.84 -16.16
N GLN A 72 -4.98 -15.52 -16.25
CA GLN A 72 -4.59 -14.77 -17.45
C GLN A 72 -3.66 -13.61 -17.11
N ALA A 73 -2.57 -13.94 -16.41
CA ALA A 73 -1.66 -12.95 -15.83
C ALA A 73 -1.18 -11.89 -16.81
N GLU A 74 -0.77 -12.33 -17.99
CA GLU A 74 -0.16 -11.43 -18.99
C GLU A 74 -1.18 -10.47 -19.60
N ALA A 75 -2.39 -10.96 -19.87
CA ALA A 75 -3.45 -10.10 -20.42
C ALA A 75 -3.84 -8.98 -19.45
N PHE A 76 -3.91 -9.30 -18.16
CA PHE A 76 -4.33 -8.35 -17.12
C PHE A 76 -3.14 -7.70 -16.39
N SER A 77 -2.00 -7.54 -17.07
CA SER A 77 -0.78 -7.01 -16.44
C SER A 77 -0.58 -5.53 -16.75
N GLY A 78 -1.54 -4.92 -17.43
CA GLY A 78 -1.45 -3.50 -17.75
C GLY A 78 -1.82 -2.64 -16.58
N ARG A 79 -1.29 -1.42 -16.53
CA ARG A 79 -1.58 -0.45 -15.47
C ARG A 79 -2.42 0.68 -16.02
N GLY A 80 -3.50 1.02 -15.32
CA GLY A 80 -4.33 2.17 -15.67
C GLY A 80 -3.82 3.44 -15.03
N LYS A 81 -4.23 4.58 -15.57
CA LYS A 81 -3.86 5.89 -15.03
C LYS A 81 -4.71 6.26 -13.82
N ILE A 82 -4.13 6.95 -12.85
CA ILE A 82 -4.91 7.69 -11.86
C ILE A 82 -4.80 9.16 -12.22
N ALA A 83 -5.94 9.79 -12.53
CA ALA A 83 -5.96 11.11 -13.15
C ALA A 83 -5.26 12.22 -12.33
N VAL A 84 -5.41 12.20 -11.01
CA VAL A 84 -4.79 13.25 -10.19
C VAL A 84 -3.26 13.21 -10.13
N VAL A 85 -2.65 12.03 -10.31
CA VAL A 85 -1.19 11.91 -10.27
C VAL A 85 -0.51 11.65 -11.62
N ASP A 86 -1.29 11.33 -12.66
CA ASP A 86 -0.75 11.10 -14.02
C ASP A 86 0.07 12.27 -14.58
N PRO A 87 -0.34 13.53 -14.30
CA PRO A 87 0.47 14.66 -14.79
C PRO A 87 1.87 14.75 -14.18
N ILE A 88 2.09 14.07 -13.06
CA ILE A 88 3.42 13.94 -12.49
C ILE A 88 4.12 12.70 -13.06
N PHE A 89 3.45 11.55 -12.97
CA PHE A 89 4.08 10.26 -13.36
C PHE A 89 4.20 10.10 -14.87
N GLN A 90 3.13 10.42 -15.59
CA GLN A 90 3.13 10.41 -17.08
C GLN A 90 3.58 9.08 -17.69
N GLY A 91 3.23 7.98 -17.05
CA GLY A 91 3.64 6.66 -17.53
C GLY A 91 5.09 6.29 -17.24
N TYR A 92 5.77 7.09 -16.41
CA TYR A 92 7.14 6.78 -15.99
C TYR A 92 7.14 6.27 -14.56
N GLY A 93 8.20 5.57 -14.17
CA GLY A 93 8.27 4.96 -12.85
C GLY A 93 7.63 3.57 -12.83
N VAL A 94 8.06 2.76 -11.87
CA VAL A 94 7.68 1.35 -11.82
C VAL A 94 6.17 1.09 -11.65
N ILE A 95 5.45 1.98 -10.95
CA ILE A 95 4.03 1.77 -10.68
C ILE A 95 3.17 2.02 -11.91
N PHE A 96 3.46 3.11 -12.62
CA PHE A 96 2.60 3.56 -13.70
C PHE A 96 3.14 3.32 -15.11
N ALA A 97 4.32 2.71 -15.21
CA ALA A 97 4.85 2.28 -16.50
C ALA A 97 4.00 1.14 -17.05
N ASN A 98 4.11 0.94 -18.36
CA ASN A 98 3.47 -0.18 -19.03
C ASN A 98 4.47 -0.89 -19.96
N GLY A 99 4.09 -2.07 -20.45
CA GLY A 99 4.89 -2.81 -21.42
C GLY A 99 6.33 -3.01 -21.00
N GLU A 100 7.25 -2.80 -21.94
CA GLU A 100 8.67 -3.11 -21.73
C GLU A 100 9.29 -2.24 -20.64
N ARG A 101 8.87 -0.97 -20.58
CA ARG A 101 9.35 -0.04 -19.55
C ARG A 101 9.11 -0.58 -18.14
N TRP A 102 7.86 -0.95 -17.87
CA TRP A 102 7.50 -1.53 -16.58
C TRP A 102 8.31 -2.78 -16.31
N ARG A 103 8.33 -3.67 -17.31
CA ARG A 103 9.06 -4.93 -17.21
C ARG A 103 10.52 -4.71 -16.77
N ALA A 104 11.17 -3.72 -17.37
CA ALA A 104 12.58 -3.44 -17.07
C ALA A 104 12.76 -2.80 -15.69
N LEU A 105 11.94 -1.79 -15.39
CA LEU A 105 12.02 -1.12 -14.09
C LEU A 105 11.67 -2.08 -12.96
N ARG A 106 10.64 -2.90 -13.17
CA ARG A 106 10.24 -3.86 -12.15
C ARG A 106 11.35 -4.88 -11.90
N ARG A 107 11.86 -5.49 -12.97
CA ARG A 107 12.98 -6.45 -12.87
C ARG A 107 14.16 -5.85 -12.11
N PHE A 108 14.59 -4.66 -12.51
CA PHE A 108 15.69 -3.97 -11.84
C PHE A 108 15.37 -3.69 -10.37
N SER A 109 14.20 -3.12 -10.11
CA SER A 109 13.78 -2.77 -8.75
C SER A 109 13.68 -4.02 -7.89
N LEU A 110 13.05 -5.04 -8.42
CA LEU A 110 12.89 -6.31 -7.73
C LEU A 110 14.27 -6.84 -7.34
N ALA A 111 15.15 -6.94 -8.33
CA ALA A 111 16.50 -7.44 -8.13
C ALA A 111 17.35 -6.56 -7.20
N THR A 112 17.14 -5.25 -7.25
CA THR A 112 17.94 -4.31 -6.45
C THR A 112 17.61 -4.37 -4.97
N MET A 113 16.32 -4.20 -4.63
CA MET A 113 15.87 -4.19 -3.22
C MET A 113 16.01 -5.56 -2.54
N ARG A 114 16.21 -6.60 -3.35
CA ARG A 114 16.52 -7.93 -2.87
C ARG A 114 17.83 -7.97 -2.06
N ASP A 115 18.76 -7.04 -2.35
CA ASP A 115 20.06 -6.96 -1.66
C ASP A 115 20.15 -5.81 -0.63
N PHE A 116 19.40 -4.73 -0.88
CA PHE A 116 19.32 -3.59 0.05
C PHE A 116 18.55 -2.42 -0.57
N GLY A 119 23.04 -1.71 -1.13
CA GLY A 119 23.56 -1.35 0.20
C GLY A 119 24.20 -2.51 0.93
N LYS A 120 24.83 -2.22 2.07
CA LYS A 120 25.54 -3.25 2.86
C LYS A 120 24.57 -4.05 3.76
N ARG A 121 24.08 -3.40 4.82
CA ARG A 121 23.12 -4.02 5.74
C ARG A 121 21.75 -4.24 5.06
N SER A 122 21.11 -5.37 5.36
CA SER A 122 19.89 -5.76 4.65
C SER A 122 18.67 -4.98 5.11
N VAL A 123 17.61 -5.05 4.32
CA VAL A 123 16.36 -4.38 4.62
C VAL A 123 15.84 -4.79 6.01
N GLU A 124 15.90 -6.08 6.30
CA GLU A 124 15.50 -6.59 7.61
C GLU A 124 16.25 -5.91 8.75
N GLU A 125 17.56 -5.74 8.58
CA GLU A 125 18.41 -5.12 9.61
C GLU A 125 18.07 -3.65 9.82
N ARG A 126 17.75 -2.97 8.72
CA ARG A 126 17.29 -1.58 8.76
C ARG A 126 15.92 -1.44 9.45
N ILE A 127 15.02 -2.39 9.20
CA ILE A 127 13.70 -2.38 9.85
C ILE A 127 13.85 -2.58 11.36
N GLN A 128 14.69 -3.53 11.75
CA GLN A 128 15.01 -3.75 13.16
C GLN A 128 15.58 -2.51 13.84
N GLU A 129 16.48 -1.83 13.16
CA GLU A 129 17.09 -0.61 13.68
C GLU A 129 16.02 0.46 13.83
N GLU A 130 15.21 0.62 12.80
CA GLU A 130 14.08 1.54 12.85
C GLU A 130 13.16 1.21 14.02
N ALA A 131 12.95 -0.09 14.26
CA ALA A 131 12.09 -0.56 15.33
C ALA A 131 12.69 -0.20 16.68
N ARG A 132 14.00 -0.37 16.80
CA ARG A 132 14.73 0.05 18.00
C ARG A 132 14.64 1.56 18.20
N CYS A 133 14.75 2.34 17.13
CA CYS A 133 14.62 3.79 17.24
C CYS A 133 13.23 4.17 17.69
N LEU A 134 12.21 3.51 17.14
CA LEU A 134 10.83 3.74 17.52
C LEU A 134 10.63 3.51 19.03
N VAL A 135 11.13 2.38 19.53
CA VAL A 135 11.00 2.03 20.94
C VAL A 135 11.64 3.10 21.83
N GLU A 136 12.88 3.46 21.50
CA GLU A 136 13.62 4.52 22.18
C GLU A 136 12.78 5.79 22.23
N GLU A 137 12.18 6.13 21.10
CA GLU A 137 11.35 7.32 21.01
C GLU A 137 10.08 7.19 21.85
N LEU A 138 9.33 6.10 21.70
CA LEU A 138 8.10 5.90 22.47
C LEU A 138 8.36 5.90 23.97
N ARG A 139 9.51 5.36 24.37
CA ARG A 139 9.92 5.32 25.78
C ARG A 139 10.03 6.72 26.39
N LYS A 140 10.37 7.72 25.59
CA LYS A 140 10.52 9.10 26.08
C LYS A 140 9.19 9.71 26.54
N SER A 141 8.08 9.33 25.92
CA SER A 141 6.77 9.87 26.28
C SER A 141 6.35 9.47 27.70
N LYS A 142 6.93 8.40 28.22
CA LYS A 142 6.65 7.95 29.58
C LYS A 142 5.16 7.69 29.84
N GLY A 143 4.47 7.14 28.85
CA GLY A 143 3.06 6.80 29.00
C GLY A 143 2.13 7.96 28.74
N ALA A 144 2.64 9.02 28.11
CA ALA A 144 1.82 10.16 27.74
C ALA A 144 0.92 9.78 26.56
N LEU A 145 -0.24 10.41 26.49
CA LEU A 145 -1.15 10.24 25.36
C LEU A 145 -0.50 10.78 24.11
N LEU A 146 -0.72 10.09 23.00
CA LEU A 146 -0.24 10.57 21.71
C LEU A 146 -1.09 9.98 20.60
N ASP A 147 -1.09 10.67 19.47
CA ASP A 147 -1.62 10.14 18.24
C ASP A 147 -0.41 9.55 17.52
N ASN A 148 -0.50 8.28 17.12
CA ASN A 148 0.65 7.58 16.55
C ASN A 148 0.84 7.77 15.04
N THR A 149 -0.08 8.51 14.40
CA THR A 149 -0.03 8.75 12.94
C THR A 149 1.38 9.17 12.46
N LEU A 150 1.95 10.18 13.09
CA LEU A 150 3.21 10.78 12.64
C LEU A 150 4.37 9.79 12.75
N LEU A 151 4.50 9.15 13.91
CA LEU A 151 5.56 8.18 14.13
C LEU A 151 5.44 6.97 13.19
N PHE A 152 4.22 6.55 12.89
CA PHE A 152 4.01 5.41 12.00
C PHE A 152 4.25 5.79 10.54
N HIS A 153 3.92 7.03 10.16
CA HIS A 153 4.32 7.56 8.85
C HIS A 153 5.83 7.70 8.74
N SER A 154 6.46 8.09 9.85
CA SER A 154 7.90 8.30 9.88
C SER A 154 8.69 7.00 9.71
N ILE A 155 8.29 5.97 10.46
CA ILE A 155 9.03 4.73 10.45
C ILE A 155 8.98 4.05 9.09
N THR A 156 7.83 4.10 8.42
CA THR A 156 7.69 3.47 7.11
C THR A 156 8.38 4.30 6.02
N SER A 157 8.37 5.61 6.16
CA SER A 157 9.13 6.48 5.25
C SER A 157 10.64 6.25 5.45
N ASN A 158 11.07 6.12 6.70
CA ASN A 158 12.49 5.83 6.97
C ASN A 158 12.99 4.55 6.33
N ILE A 159 12.17 3.51 6.26
CA ILE A 159 12.60 2.29 5.59
C ILE A 159 12.84 2.57 4.11
N ILE A 160 11.95 3.34 3.49
CA ILE A 160 12.11 3.70 2.08
C ILE A 160 13.32 4.64 1.89
N CYS A 161 13.50 5.59 2.80
CA CYS A 161 14.68 6.47 2.79
C CYS A 161 15.98 5.69 2.90
N SER A 162 15.95 4.65 3.73
CA SER A 162 17.12 3.82 3.95
C SER A 162 17.47 3.12 2.65
N ILE A 163 16.45 2.65 1.94
CA ILE A 163 16.62 1.91 0.69
C ILE A 163 17.07 2.80 -0.47
N VAL A 164 16.48 3.99 -0.59
CA VAL A 164 16.72 4.84 -1.76
C VAL A 164 17.85 5.84 -1.51
N PHE A 165 17.91 6.42 -0.32
CA PHE A 165 18.92 7.42 0.04
C PHE A 165 20.07 6.85 0.86
N GLY A 166 19.97 5.59 1.26
CA GLY A 166 21.04 4.99 2.07
C GLY A 166 21.16 5.57 3.45
N LYS A 167 20.07 6.14 3.98
CA LYS A 167 20.06 6.63 5.35
C LYS A 167 18.64 6.86 5.85
N ARG A 168 18.50 6.93 7.17
CA ARG A 168 17.25 7.27 7.82
C ARG A 168 17.34 8.70 8.38
N PHE A 169 16.18 9.33 8.59
CA PHE A 169 16.11 10.64 9.22
C PHE A 169 15.66 10.52 10.68
N ASP A 170 16.18 11.40 11.53
CA ASP A 170 15.73 11.50 12.91
C ASP A 170 14.28 11.96 12.94
N TYR A 171 13.53 11.48 13.93
CA TYR A 171 12.09 11.75 13.99
C TYR A 171 11.74 13.23 14.15
N LYS A 172 12.63 14.03 14.75
CA LYS A 172 12.39 15.45 14.95
C LYS A 172 13.05 16.37 13.91
N ASP A 173 13.59 15.78 12.84
CA ASP A 173 14.24 16.53 11.79
C ASP A 173 13.20 17.29 10.95
N PRO A 174 13.29 18.64 10.91
CA PRO A 174 12.32 19.46 10.17
C PRO A 174 12.29 19.21 8.65
N VAL A 175 13.44 18.94 8.05
CA VAL A 175 13.50 18.56 6.64
C VAL A 175 12.65 17.30 6.40
N PHE A 176 12.86 16.31 7.26
CA PHE A 176 12.10 15.08 7.23
C PHE A 176 10.62 15.35 7.48
N LEU A 177 10.32 16.09 8.55
CA LEU A 177 8.92 16.32 8.95
C LEU A 177 8.14 17.08 7.90
N ARG A 178 8.82 18.00 7.22
CA ARG A 178 8.20 18.82 6.18
C ARG A 178 7.83 17.97 4.99
N LEU A 179 8.74 17.10 4.58
CA LEU A 179 8.50 16.18 3.48
C LEU A 179 7.34 15.23 3.82
N LEU A 180 7.39 14.69 5.05
CA LEU A 180 6.32 13.87 5.60
C LEU A 180 4.96 14.56 5.51
N ASP A 181 4.88 15.81 5.97
CA ASP A 181 3.60 16.56 5.93
C ASP A 181 3.14 16.75 4.49
N LEU A 182 4.09 17.01 3.61
CA LEU A 182 3.84 17.17 2.19
C LEU A 182 3.24 15.88 1.64
N TRP A 183 3.94 14.79 1.89
CA TRP A 183 3.52 13.48 1.43
C TRP A 183 2.11 13.13 1.88
N PHE A 184 1.85 13.34 3.15
CA PHE A 184 0.64 12.80 3.72
C PHE A 184 -0.57 13.72 3.55
N GLN A 185 -0.35 14.99 3.23
CA GLN A 185 -1.43 15.82 2.67
C GLN A 185 -1.83 15.27 1.30
N SER A 186 -0.83 14.88 0.50
CA SER A 186 -1.10 14.42 -0.86
C SER A 186 -2.00 13.17 -0.88
N PHE A 187 -1.69 12.20 -0.03
CA PHE A 187 -2.51 10.99 0.08
C PHE A 187 -3.97 11.30 0.43
N SER A 188 -4.17 12.19 1.40
CA SER A 188 -5.51 12.61 1.78
C SER A 188 -6.26 13.21 0.59
N LEU A 189 -5.56 14.06 -0.16
CA LEU A 189 -6.16 14.74 -1.30
C LEU A 189 -6.41 13.78 -2.47
N ILE A 190 -5.46 12.89 -2.73
CA ILE A 190 -5.60 11.88 -3.78
C ILE A 190 -6.85 11.02 -3.54
N SER A 191 -7.07 10.62 -2.29
CA SER A 191 -8.24 9.79 -1.92
C SER A 191 -9.56 10.56 -1.82
N SER A 192 -9.49 11.88 -1.62
CA SER A 192 -10.68 12.70 -1.43
C SER A 192 -11.73 12.55 -2.52
N PHE A 193 -12.97 12.91 -2.19
CA PHE A 193 -14.09 12.90 -3.12
C PHE A 193 -13.87 13.83 -4.32
N SER A 194 -13.22 14.97 -4.08
CA SER A 194 -12.90 15.93 -5.14
C SER A 194 -11.98 15.34 -6.21
N SER A 195 -11.01 14.53 -5.80
CA SER A 195 -10.11 13.87 -6.74
C SER A 195 -10.83 12.75 -7.49
N GLN A 196 -11.82 12.14 -6.84
CA GLN A 196 -12.63 11.12 -7.51
C GLN A 196 -13.52 11.75 -8.57
N VAL A 197 -13.99 12.98 -8.31
CA VAL A 197 -14.69 13.74 -9.34
C VAL A 197 -13.74 14.12 -10.48
N PHE A 198 -12.52 14.51 -10.11
CA PHE A 198 -11.49 14.83 -11.08
C PHE A 198 -11.18 13.64 -11.98
N GLU A 199 -11.22 12.43 -11.41
CA GLU A 199 -10.97 11.20 -12.17
C GLU A 199 -11.94 11.09 -13.36
N LEU A 200 -13.22 11.31 -13.08
CA LEU A 200 -14.27 11.24 -14.10
C LEU A 200 -14.21 12.36 -15.14
N PHE A 201 -13.86 13.58 -14.70
CA PHE A 201 -13.97 14.76 -15.56
C PHE A 201 -12.72 15.63 -15.62
N SER A 202 -11.55 15.00 -15.54
CA SER A 202 -10.27 15.72 -15.59
C SER A 202 -10.15 16.65 -16.79
N GLY A 203 -10.62 16.19 -17.95
CA GLY A 203 -10.54 16.96 -19.20
C GLY A 203 -11.18 18.34 -19.12
N PHE A 204 -12.23 18.46 -18.32
CA PHE A 204 -12.85 19.75 -18.04
C PHE A 204 -12.18 20.40 -16.82
N LEU A 205 -12.05 19.64 -15.74
CA LEU A 205 -11.60 20.17 -14.44
C LEU A 205 -10.13 20.62 -14.38
N LYS A 206 -9.27 20.08 -15.25
CA LYS A 206 -7.84 20.44 -15.22
C LYS A 206 -7.57 21.93 -15.48
N TYR A 207 -8.57 22.64 -16.01
CA TYR A 207 -8.45 24.07 -16.30
C TYR A 207 -8.81 24.97 -15.11
N PHE A 208 -9.40 24.38 -14.07
CA PHE A 208 -9.87 25.15 -12.91
C PHE A 208 -9.16 24.73 -11.61
N PRO A 209 -9.12 25.63 -10.61
CA PRO A 209 -8.52 25.28 -9.33
C PRO A 209 -9.15 24.03 -8.70
N GLY A 210 -8.35 23.29 -7.95
CA GLY A 210 -8.86 22.11 -7.27
C GLY A 210 -7.76 21.32 -6.59
N THR A 211 -8.12 20.18 -6.01
CA THR A 211 -7.16 19.34 -5.31
C THR A 211 -6.01 18.92 -6.22
N HIS A 212 -6.30 18.73 -7.50
CA HIS A 212 -5.27 18.34 -8.47
C HIS A 212 -4.06 19.28 -8.50
N ARG A 213 -4.29 20.58 -8.37
CA ARG A 213 -3.19 21.55 -8.39
C ARG A 213 -2.29 21.41 -7.17
N GLN A 214 -2.93 21.17 -6.02
CA GLN A 214 -2.20 21.00 -4.77
C GLN A 214 -1.44 19.68 -4.76
N ILE A 215 -2.07 18.62 -5.27
CA ILE A 215 -1.39 17.34 -5.40
C ILE A 215 -0.16 17.52 -6.27
N TYR A 216 -0.34 18.20 -7.40
CA TYR A 216 0.74 18.46 -8.34
C TYR A 216 1.93 19.17 -7.70
N ARG A 217 1.67 20.25 -6.98
CA ARG A 217 2.75 21.02 -6.35
C ARG A 217 3.46 20.25 -5.23
N ASN A 218 2.69 19.53 -4.41
CA ASN A 218 3.27 18.70 -3.36
C ASN A 218 4.24 17.70 -3.97
N LEU A 219 3.76 16.94 -4.96
CA LEU A 219 4.61 15.92 -5.60
C LEU A 219 5.80 16.54 -6.35
N GLN A 220 5.63 17.72 -6.95
CA GLN A 220 6.75 18.40 -7.59
C GLN A 220 7.82 18.78 -6.58
N GLU A 221 7.42 19.27 -5.42
CA GLU A 221 8.38 19.60 -4.36
C GLU A 221 9.16 18.36 -3.95
N ILE A 222 8.45 17.25 -3.79
CA ILE A 222 9.09 15.98 -3.40
C ILE A 222 10.08 15.57 -4.48
N ASN A 223 9.65 15.62 -5.74
CA ASN A 223 10.52 15.32 -6.89
C ASN A 223 11.77 16.18 -6.93
N THR A 224 11.62 17.45 -6.60
CA THR A 224 12.74 18.38 -6.58
C THR A 224 13.77 17.91 -5.55
N PHE A 225 13.30 17.58 -4.35
CA PHE A 225 14.17 17.03 -3.30
C PHE A 225 14.89 15.75 -3.74
N ILE A 226 14.17 14.89 -4.47
CA ILE A 226 14.73 13.64 -4.99
C ILE A 226 15.80 13.94 -6.03
N GLY A 227 15.52 14.88 -6.93
CA GLY A 227 16.50 15.33 -7.91
C GLY A 227 17.79 15.81 -7.28
N GLN A 228 17.67 16.54 -6.18
CA GLN A 228 18.84 17.06 -5.46
C GLN A 228 19.67 15.94 -4.86
N SER A 229 18.98 14.93 -4.31
CA SER A 229 19.63 13.75 -3.78
C SER A 229 20.39 13.01 -4.88
N VAL A 230 19.77 12.89 -6.05
CA VAL A 230 20.38 12.20 -7.17
C VAL A 230 21.71 12.87 -7.56
N GLU A 231 21.66 14.18 -7.76
CA GLU A 231 22.86 14.95 -8.05
C GLU A 231 23.89 14.79 -6.94
N LYS A 232 23.43 14.79 -5.70
CA LYS A 232 24.31 14.65 -4.55
C LYS A 232 24.94 13.25 -4.52
N HIS A 233 24.17 12.23 -4.91
CA HIS A 233 24.67 10.86 -5.01
C HIS A 233 25.74 10.73 -6.09
N ARG A 234 25.45 11.27 -7.28
CA ARG A 234 26.41 11.26 -8.40
C ARG A 234 27.72 11.93 -8.00
N ALA A 235 27.63 13.09 -7.37
CA ALA A 235 28.80 13.87 -6.97
C ALA A 235 29.69 13.13 -5.97
N THR A 236 29.10 12.19 -5.22
CA THR A 236 29.79 11.48 -4.15
C THR A 236 29.95 9.98 -4.45
N LEU A 237 29.61 9.57 -5.66
CA LEU A 237 29.53 8.15 -6.04
C LEU A 237 30.86 7.40 -5.95
N ASP A 238 30.83 6.25 -5.30
CA ASP A 238 31.90 5.23 -5.38
C ASP A 238 31.32 4.08 -6.18
N PRO A 239 31.70 3.96 -7.47
CA PRO A 239 31.13 2.91 -8.31
C PRO A 239 31.38 1.48 -7.82
N SER A 240 32.42 1.28 -7.01
CA SER A 240 32.72 -0.04 -6.44
C SER A 240 31.94 -0.35 -5.16
N ASN A 241 31.30 0.66 -4.57
CA ASN A 241 30.55 0.52 -3.31
C ASN A 241 29.22 1.28 -3.31
N PRO A 242 28.24 0.81 -4.10
CA PRO A 242 26.91 1.42 -4.11
C PRO A 242 26.28 1.44 -2.72
N ARG A 243 25.66 2.56 -2.36
CA ARG A 243 25.05 2.74 -1.04
C ARG A 243 23.57 2.39 -1.01
N ASP A 244 22.89 2.44 -2.16
CA ASP A 244 21.43 2.39 -2.17
C ASP A 244 20.88 2.25 -3.59
N PHE A 245 19.56 2.41 -3.71
CA PHE A 245 18.85 2.27 -4.98
C PHE A 245 19.35 3.26 -6.01
N ILE A 246 19.67 4.48 -5.58
CA ILE A 246 20.07 5.54 -6.51
C ILE A 246 21.44 5.23 -7.11
N ASP A 247 22.42 4.96 -6.27
CA ASP A 247 23.74 4.55 -6.74
C ASP A 247 23.64 3.42 -7.74
N VAL A 248 22.92 2.37 -7.38
CA VAL A 248 22.76 1.22 -8.26
C VAL A 248 22.17 1.67 -9.58
N TYR A 249 21.09 2.45 -9.52
CA TYR A 249 20.46 2.98 -10.73
C TYR A 249 21.44 3.85 -11.52
N LEU A 250 22.24 4.66 -10.82
CA LEU A 250 23.24 5.49 -11.49
C LEU A 250 24.26 4.64 -12.25
N LEU A 251 24.70 3.53 -11.65
CA LEU A 251 25.65 2.62 -12.29
C LEU A 251 25.06 1.93 -13.52
N ARG A 252 23.79 1.54 -13.44
CA ARG A 252 23.08 0.96 -14.57
C ARG A 252 22.85 1.98 -15.68
N MET A 253 22.68 3.25 -15.30
CA MET A 253 22.59 4.36 -16.26
C MET A 253 23.86 4.46 -17.09
N GLU A 254 25.01 4.35 -16.42
CA GLU A 254 26.31 4.38 -17.08
C GLU A 254 26.45 3.20 -18.05
N LYS A 255 26.20 1.98 -17.56
CA LYS A 255 26.27 0.77 -18.40
C LYS A 255 25.45 0.92 -19.68
N ASP A 256 24.23 1.41 -19.55
CA ASP A 256 23.32 1.59 -20.69
C ASP A 256 23.51 2.93 -21.42
N LYS A 257 24.60 3.65 -21.15
CA LYS A 257 24.82 4.99 -21.73
C LYS A 257 24.80 4.98 -23.27
N SER A 258 25.24 3.87 -23.87
CA SER A 258 25.22 3.71 -25.32
C SER A 258 23.82 3.46 -25.85
N ASP A 259 23.11 2.52 -25.23
CA ASP A 259 21.80 2.07 -25.72
C ASP A 259 20.73 3.19 -25.63
N PRO A 260 20.24 3.68 -26.78
CA PRO A 260 19.22 4.72 -26.80
C PRO A 260 17.79 4.18 -26.67
N SER A 261 17.65 2.86 -26.55
CA SER A 261 16.37 2.23 -26.22
C SER A 261 16.33 1.83 -24.74
N SER A 262 17.28 2.35 -23.95
CA SER A 262 17.33 2.06 -22.52
C SER A 262 16.28 2.89 -21.79
N GLU A 263 15.60 2.26 -20.84
CA GLU A 263 14.61 2.94 -20.01
C GLU A 263 15.26 3.58 -18.81
N PHE A 264 16.53 3.27 -18.57
CA PHE A 264 17.24 3.77 -17.41
C PHE A 264 17.83 5.14 -17.65
N HIS A 265 16.93 6.11 -17.71
CA HIS A 265 17.24 7.51 -17.89
C HIS A 265 16.76 8.27 -16.66
N HIS A 266 17.01 9.57 -16.61
CA HIS A 266 16.77 10.41 -15.43
C HIS A 266 15.31 10.40 -14.99
N GLN A 267 14.39 10.57 -15.95
CA GLN A 267 12.97 10.67 -15.65
C GLN A 267 12.44 9.42 -14.91
N ASN A 268 12.84 8.24 -15.37
CA ASN A 268 12.44 6.99 -14.74
C ASN A 268 13.12 6.80 -13.38
N LEU A 269 14.26 7.45 -13.16
CA LEU A 269 14.91 7.43 -11.85
C LEU A 269 14.08 8.22 -10.84
N ILE A 270 13.81 9.48 -11.16
CA ILE A 270 13.12 10.38 -10.23
C ILE A 270 11.77 9.79 -9.85
N LEU A 271 11.03 9.34 -10.86
CA LEU A 271 9.66 8.87 -10.67
C LEU A 271 9.56 7.44 -10.13
N THR A 272 10.62 6.64 -10.30
CA THR A 272 10.68 5.33 -9.66
C THR A 272 10.88 5.51 -8.17
N VAL A 273 11.75 6.44 -7.80
CA VAL A 273 11.96 6.75 -6.38
C VAL A 273 10.67 7.31 -5.77
N LEU A 274 10.04 8.24 -6.48
CA LEU A 274 8.75 8.78 -6.06
C LEU A 274 7.72 7.66 -5.91
N SER A 275 7.74 6.72 -6.86
CA SER A 275 6.86 5.54 -6.83
C SER A 275 7.04 4.72 -5.57
N LEU A 276 8.29 4.48 -5.19
CA LEU A 276 8.61 3.75 -3.96
C LEU A 276 8.02 4.42 -2.71
N PHE A 277 8.13 5.74 -2.62
CA PHE A 277 7.51 6.48 -1.52
C PHE A 277 5.98 6.47 -1.64
N PHE A 278 5.48 6.60 -2.87
CA PHE A 278 4.05 6.65 -3.13
C PHE A 278 3.33 5.37 -2.69
N ALA A 279 3.93 4.22 -2.99
CA ALA A 279 3.34 2.91 -2.70
C ALA A 279 3.84 2.31 -1.40
N GLY A 280 4.98 2.79 -0.89
CA GLY A 280 5.64 2.14 0.23
C GLY A 280 5.39 2.70 1.63
N THR A 281 4.69 3.83 1.73
CA THR A 281 4.54 4.47 3.03
C THR A 281 3.10 4.46 3.58
N GLU A 282 2.16 5.00 2.81
CA GLU A 282 0.81 5.22 3.29
C GLU A 282 0.11 3.93 3.76
N THR A 283 0.00 2.95 2.87
CA THR A 283 -0.70 1.70 3.17
C THR A 283 -0.06 0.99 4.36
N THR A 284 1.26 0.90 4.38
CA THR A 284 1.96 0.27 5.49
C THR A 284 1.68 0.98 6.82
N SER A 285 1.74 2.31 6.81
CA SER A 285 1.52 3.11 8.01
C SER A 285 0.12 2.94 8.55
N THR A 286 -0.86 3.12 7.68
CA THR A 286 -2.24 2.97 8.05
C THR A 286 -2.51 1.56 8.58
N THR A 287 -1.86 0.54 8.00
CA THR A 287 -2.01 -0.84 8.47
C THR A 287 -1.55 -0.95 9.91
N LEU A 288 -0.42 -0.34 10.23
CA LEU A 288 0.06 -0.28 11.60
C LEU A 288 -0.90 0.50 12.50
N ARG A 289 -1.41 1.61 12.00
CA ARG A 289 -2.31 2.44 12.79
C ARG A 289 -3.63 1.69 13.06
N TYR A 290 -4.23 1.14 12.00
CA TYR A 290 -5.44 0.34 12.14
C TYR A 290 -5.21 -0.84 13.07
N GLY A 291 -4.03 -1.46 12.97
CA GLY A 291 -3.69 -2.61 13.79
C GLY A 291 -3.73 -2.31 15.27
N PHE A 292 -3.12 -1.19 15.66
CA PHE A 292 -3.09 -0.82 17.06
C PHE A 292 -4.45 -0.35 17.59
N LEU A 293 -5.30 0.13 16.69
CA LEU A 293 -6.68 0.41 17.05
C LEU A 293 -7.40 -0.88 17.44
N LEU A 294 -7.25 -1.91 16.60
CA LEU A 294 -7.80 -3.23 16.88
C LEU A 294 -7.23 -3.79 18.17
N MET A 295 -5.94 -3.57 18.39
CA MET A 295 -5.28 -4.06 19.61
C MET A 295 -5.80 -3.37 20.89
N LEU A 296 -6.26 -2.12 20.76
CA LEU A 296 -6.95 -1.43 21.85
C LEU A 296 -8.37 -1.99 22.02
N LYS A 297 -9.04 -2.28 20.91
CA LYS A 297 -10.41 -2.77 20.97
C LYS A 297 -10.54 -4.22 21.46
N TYR A 298 -9.48 -5.01 21.27
CA TYR A 298 -9.48 -6.41 21.68
C TYR A 298 -8.23 -6.77 22.47
N PRO A 299 -8.16 -6.34 23.75
CA PRO A 299 -6.96 -6.56 24.59
C PRO A 299 -6.55 -8.01 24.80
N HIS A 300 -7.50 -8.94 24.67
CA HIS A 300 -7.21 -10.36 24.85
C HIS A 300 -6.34 -10.87 23.71
N VAL A 301 -6.62 -10.39 22.50
CA VAL A 301 -5.79 -10.69 21.33
C VAL A 301 -4.38 -10.17 21.57
N THR A 302 -4.29 -8.88 21.85
CA THR A 302 -3.04 -8.24 22.19
C THR A 302 -2.29 -9.01 23.27
N GLU A 303 -3.03 -9.46 24.27
CA GLU A 303 -2.45 -10.24 25.36
C GLU A 303 -1.87 -11.56 24.86
N ARG A 304 -2.59 -12.25 23.99
CA ARG A 304 -2.10 -13.52 23.43
C ARG A 304 -0.86 -13.31 22.57
N VAL A 305 -0.84 -12.23 21.81
CA VAL A 305 0.34 -11.85 21.02
C VAL A 305 1.56 -11.65 21.92
N GLN A 306 1.40 -10.91 23.01
CA GLN A 306 2.51 -10.72 23.95
C GLN A 306 2.97 -12.04 24.58
N LYS A 307 2.04 -12.92 24.92
CA LYS A 307 2.39 -14.25 25.44
C LYS A 307 3.23 -15.02 24.43
N GLU A 308 2.83 -14.97 23.16
CA GLU A 308 3.57 -15.63 22.10
C GLU A 308 4.95 -14.99 21.88
N ILE A 309 5.02 -13.66 21.94
CA ILE A 309 6.30 -12.95 21.91
C ILE A 309 7.21 -13.43 23.05
N GLU A 310 6.66 -13.47 24.25
CA GLU A 310 7.43 -13.90 25.43
C GLU A 310 7.92 -15.34 25.33
N GLN A 311 7.11 -16.22 24.73
CA GLN A 311 7.45 -17.65 24.64
C GLN A 311 8.51 -17.95 23.60
N VAL A 312 8.41 -17.31 22.43
CA VAL A 312 9.33 -17.58 21.32
C VAL A 312 10.56 -16.67 21.37
N ILE A 313 10.33 -15.37 21.59
CA ILE A 313 11.40 -14.36 21.53
C ILE A 313 11.96 -14.04 22.91
N GLY A 314 11.11 -14.03 23.92
CA GLY A 314 11.52 -13.61 25.26
C GLY A 314 11.41 -12.10 25.39
N SER A 315 12.12 -11.55 26.36
CA SER A 315 12.01 -10.13 26.70
C SER A 315 13.31 -9.34 26.46
N HIS A 316 14.38 -10.03 26.08
CA HIS A 316 15.70 -9.39 25.94
C HIS A 316 16.06 -9.07 24.49
N ARG A 317 16.29 -10.09 23.67
CA ARG A 317 16.69 -9.84 22.28
C ARG A 317 15.52 -9.26 21.48
N PRO A 318 15.82 -8.48 20.43
CA PRO A 318 14.77 -7.95 19.58
C PRO A 318 14.22 -9.00 18.62
N PRO A 319 12.95 -8.88 18.22
CA PRO A 319 12.40 -9.78 17.23
C PRO A 319 13.19 -9.78 15.92
N ALA A 320 13.30 -10.96 15.30
CA ALA A 320 13.91 -11.11 13.99
C ALA A 320 12.85 -11.75 13.10
N LEU A 321 13.01 -11.60 11.79
CA LEU A 321 12.01 -12.16 10.86
C LEU A 321 11.88 -13.68 10.99
N ASP A 322 13.00 -14.34 11.31
CA ASP A 322 13.01 -15.78 11.61
C ASP A 322 11.97 -16.20 12.64
N ASP A 323 11.66 -15.32 13.60
CA ASP A 323 10.70 -15.63 14.65
C ASP A 323 9.25 -15.85 14.16
N ARG A 324 8.88 -15.22 13.05
CA ARG A 324 7.50 -15.26 12.58
C ARG A 324 7.01 -16.67 12.28
N ALA A 325 7.89 -17.49 11.69
CA ALA A 325 7.56 -18.88 11.39
C ALA A 325 7.14 -19.64 12.64
N LYS A 326 7.70 -19.26 13.78
CA LYS A 326 7.38 -19.89 15.05
C LYS A 326 6.28 -19.15 15.82
N MET A 327 5.60 -18.21 15.18
CA MET A 327 4.59 -17.36 15.85
C MET A 327 3.32 -17.25 15.01
N PRO A 328 2.62 -18.37 14.81
CA PRO A 328 1.43 -18.40 13.95
C PRO A 328 0.27 -17.54 14.47
N TYR A 329 0.15 -17.41 15.79
CA TYR A 329 -0.92 -16.58 16.32
C TYR A 329 -0.73 -15.11 15.92
N THR A 330 0.47 -14.58 16.16
CA THR A 330 0.79 -13.19 15.80
C THR A 330 0.66 -12.99 14.31
N ASP A 331 1.19 -13.95 13.56
CA ASP A 331 1.14 -13.91 12.10
C ASP A 331 -0.31 -13.91 11.62
N ALA A 332 -1.16 -14.71 12.28
CA ALA A 332 -2.59 -14.76 11.95
C ALA A 332 -3.28 -13.44 12.30
N VAL A 333 -2.86 -12.83 13.40
CA VAL A 333 -3.38 -11.53 13.81
C VAL A 333 -3.04 -10.49 12.75
N ILE A 334 -1.79 -10.51 12.28
CA ILE A 334 -1.35 -9.55 11.27
C ILE A 334 -2.10 -9.77 9.98
N HIS A 335 -2.31 -11.04 9.60
CA HIS A 335 -3.11 -11.35 8.42
C HIS A 335 -4.48 -10.75 8.57
N GLU A 336 -5.10 -11.00 9.71
CA GLU A 336 -6.46 -10.55 9.96
C GLU A 336 -6.56 -9.01 10.01
N ILE A 337 -5.51 -8.34 10.48
CA ILE A 337 -5.45 -6.87 10.49
C ILE A 337 -5.48 -6.32 9.06
N GLN A 338 -4.68 -6.93 8.19
CA GLN A 338 -4.65 -6.53 6.78
C GLN A 338 -5.97 -6.80 6.08
N ARG A 339 -6.61 -7.91 6.44
CA ARG A 339 -7.85 -8.30 5.78
C ARG A 339 -8.98 -7.36 6.16
N LEU A 340 -9.22 -7.21 7.46
CA LEU A 340 -10.31 -6.37 7.93
C LEU A 340 -10.02 -4.90 7.62
N GLY A 341 -8.73 -4.53 7.69
CA GLY A 341 -8.29 -3.18 7.34
C GLY A 341 -8.67 -2.78 5.93
N ASP A 342 -8.44 -3.66 4.97
CA ASP A 342 -8.93 -3.48 3.60
C ASP A 342 -8.56 -2.10 3.06
N LEU A 343 -7.28 -1.75 3.16
CA LEU A 343 -6.81 -0.39 2.89
C LEU A 343 -6.82 -0.01 1.40
N ILE A 344 -6.93 -0.99 0.52
CA ILE A 344 -7.02 -0.72 -0.92
C ILE A 344 -8.20 -1.51 -1.49
N PRO A 345 -9.43 -1.08 -1.15
CA PRO A 345 -10.64 -1.86 -1.42
C PRO A 345 -10.93 -2.11 -2.89
N PHE A 346 -10.54 -1.16 -3.75
CA PHE A 346 -10.76 -1.28 -5.20
C PHE A 346 -9.52 -1.75 -5.92
N GLY A 347 -8.42 -1.95 -5.19
CA GLY A 347 -7.14 -2.23 -5.81
C GLY A 347 -6.60 -0.99 -6.50
N VAL A 348 -5.48 -1.16 -7.20
CA VAL A 348 -4.94 -0.14 -8.09
C VAL A 348 -5.39 -0.50 -9.52
N PRO A 349 -5.78 0.49 -10.34
CA PRO A 349 -6.39 0.20 -11.64
C PRO A 349 -5.50 -0.57 -12.62
N HIS A 350 -6.04 -1.62 -13.22
CA HIS A 350 -5.35 -2.34 -14.28
C HIS A 350 -5.91 -1.93 -15.64
N THR A 351 -5.24 -2.40 -16.69
CA THR A 351 -5.79 -2.44 -18.05
C THR A 351 -5.45 -3.79 -18.67
N VAL A 352 -6.21 -4.19 -19.68
CA VAL A 352 -5.87 -5.38 -20.44
C VAL A 352 -4.88 -5.01 -21.55
N THR A 353 -3.81 -5.78 -21.69
CA THR A 353 -2.74 -5.49 -22.65
C THR A 353 -3.10 -5.84 -24.11
N LYS A 354 -4.25 -6.48 -24.31
CA LYS A 354 -4.72 -6.84 -25.65
C LYS A 354 -6.20 -7.17 -25.59
N ASP A 355 -6.86 -7.18 -26.76
CA ASP A 355 -8.22 -7.70 -26.85
C ASP A 355 -8.22 -9.07 -26.18
N THR A 356 -8.94 -9.19 -25.07
CA THR A 356 -8.80 -10.34 -24.17
C THR A 356 -10.14 -11.01 -23.95
N GLN A 357 -10.12 -12.35 -23.92
CA GLN A 357 -11.31 -13.17 -23.72
C GLN A 357 -11.44 -13.41 -22.23
N PHE A 358 -12.54 -12.93 -21.65
CA PHE A 358 -12.81 -13.19 -20.24
C PHE A 358 -14.26 -13.59 -20.05
N ARG A 359 -14.46 -14.77 -19.47
CA ARG A 359 -15.78 -15.38 -19.33
C ARG A 359 -16.56 -15.20 -20.65
N GLY A 360 -17.82 -14.77 -20.59
CA GLY A 360 -18.60 -14.56 -21.82
C GLY A 360 -18.06 -13.51 -22.77
N TYR A 361 -17.15 -12.66 -22.29
CA TYR A 361 -16.96 -11.35 -22.87
C TYR A 361 -15.60 -11.14 -23.50
N VAL A 362 -15.55 -10.15 -24.38
CA VAL A 362 -14.31 -9.62 -24.93
C VAL A 362 -14.11 -8.24 -24.34
N ILE A 363 -12.95 -8.04 -23.71
CA ILE A 363 -12.58 -6.75 -23.15
C ILE A 363 -11.57 -6.12 -24.10
N PRO A 364 -11.99 -5.11 -24.89
CA PRO A 364 -11.07 -4.52 -25.87
C PRO A 364 -9.75 -4.07 -25.25
N LYS A 365 -8.69 -4.07 -26.06
CA LYS A 365 -7.35 -3.73 -25.61
C LYS A 365 -7.33 -2.38 -24.87
N ASN A 366 -6.56 -2.32 -23.79
CA ASN A 366 -6.38 -1.09 -22.98
C ASN A 366 -7.62 -0.59 -22.25
N THR A 367 -8.64 -1.44 -22.12
CA THR A 367 -9.78 -1.12 -21.26
C THR A 367 -9.34 -1.25 -19.80
N GLU A 368 -9.82 -0.33 -18.97
CA GLU A 368 -9.47 -0.33 -17.55
C GLU A 368 -10.18 -1.45 -16.81
N VAL A 369 -9.50 -2.01 -15.82
CA VAL A 369 -10.06 -3.07 -15.00
C VAL A 369 -9.75 -2.81 -13.53
N PHE A 370 -10.80 -2.80 -12.70
CA PHE A 370 -10.63 -2.64 -11.27
C PHE A 370 -10.81 -4.00 -10.60
N PRO A 371 -9.72 -4.53 -10.00
CA PRO A 371 -9.84 -5.71 -9.16
C PRO A 371 -10.22 -5.32 -7.74
N VAL A 372 -11.48 -5.53 -7.38
CA VAL A 372 -12.00 -5.07 -6.09
C VAL A 372 -11.59 -6.03 -4.97
N LEU A 373 -10.36 -5.87 -4.54
CA LEU A 373 -9.77 -6.68 -3.47
C LEU A 373 -10.69 -6.85 -2.27
N SER A 374 -11.47 -5.82 -1.94
CA SER A 374 -12.36 -5.85 -0.79
C SER A 374 -13.33 -7.02 -0.81
N SER A 375 -13.88 -7.31 -1.98
CA SER A 375 -14.87 -8.37 -2.11
C SER A 375 -14.24 -9.74 -1.88
N ALA A 376 -12.94 -9.87 -2.17
CA ALA A 376 -12.19 -11.09 -1.85
C ALA A 376 -11.89 -11.15 -0.36
N LEU A 377 -11.42 -10.03 0.19
CA LEU A 377 -11.07 -9.95 1.60
C LEU A 377 -12.28 -10.13 2.54
N HIS A 378 -13.49 -9.93 2.02
CA HIS A 378 -14.73 -10.19 2.77
C HIS A 378 -15.52 -11.38 2.25
N ASP A 379 -14.90 -12.22 1.44
CA ASP A 379 -15.58 -13.33 0.79
C ASP A 379 -16.10 -14.34 1.83
N PRO A 380 -17.44 -14.47 1.94
CA PRO A 380 -18.01 -15.34 2.97
C PRO A 380 -17.74 -16.84 2.77
N ARG A 381 -17.23 -17.21 1.59
CA ARG A 381 -16.72 -18.56 1.36
C ARG A 381 -15.48 -18.87 2.19
N TYR A 382 -14.59 -17.90 2.30
CA TYR A 382 -13.27 -18.12 2.88
C TYR A 382 -13.13 -17.61 4.31
N PHE A 383 -14.08 -16.80 4.76
CA PHE A 383 -14.01 -16.19 6.08
C PHE A 383 -15.34 -16.35 6.81
N GLU A 384 -15.30 -17.07 7.93
CA GLU A 384 -16.48 -17.32 8.74
C GLU A 384 -17.19 -16.02 9.13
N THR A 385 -16.41 -15.05 9.59
CA THR A 385 -16.91 -13.79 10.13
C THR A 385 -16.31 -12.60 9.36
N PRO A 386 -16.75 -12.39 8.11
CA PRO A 386 -16.10 -11.39 7.25
C PRO A 386 -16.00 -9.99 7.86
N ASN A 387 -17.03 -9.59 8.60
CA ASN A 387 -17.11 -8.22 9.13
C ASN A 387 -16.65 -8.10 10.58
N THR A 388 -16.10 -9.17 11.13
CA THR A 388 -15.69 -9.19 12.54
C THR A 388 -14.23 -9.65 12.65
N PHE A 389 -13.46 -8.97 13.47
CA PHE A 389 -12.07 -9.32 13.71
C PHE A 389 -11.96 -10.74 14.28
N ASN A 390 -11.30 -11.62 13.53
CA ASN A 390 -11.25 -13.04 13.83
C ASN A 390 -9.94 -13.65 13.36
N PRO A 391 -8.90 -13.66 14.20
CA PRO A 391 -7.64 -14.29 13.87
C PRO A 391 -7.76 -15.76 13.48
N GLY A 392 -8.79 -16.42 14.00
CA GLY A 392 -9.09 -17.81 13.65
C GLY A 392 -9.24 -18.05 12.16
N HIS A 393 -9.58 -17.00 11.42
CA HIS A 393 -9.61 -17.06 9.95
C HIS A 393 -8.34 -17.60 9.31
N PHE A 394 -7.22 -17.49 10.01
CA PHE A 394 -5.92 -17.88 9.48
C PHE A 394 -5.25 -18.92 10.36
N LEU A 395 -6.03 -19.57 11.23
CA LEU A 395 -5.53 -20.65 12.09
C LEU A 395 -6.33 -21.94 11.88
N ASP A 396 -5.62 -23.06 11.83
CA ASP A 396 -6.23 -24.37 11.68
C ASP A 396 -6.44 -24.99 13.07
N ALA A 397 -6.96 -26.22 13.07
CA ALA A 397 -7.36 -26.89 14.31
C ALA A 397 -6.18 -27.18 15.25
N ASN A 398 -4.97 -27.20 14.70
CA ASN A 398 -3.75 -27.36 15.50
C ASN A 398 -3.10 -26.04 15.93
N GLY A 399 -3.73 -24.93 15.59
CA GLY A 399 -3.20 -23.61 15.92
C GLY A 399 -2.06 -23.16 15.02
N ALA A 400 -1.95 -23.78 13.84
CA ALA A 400 -0.91 -23.44 12.87
C ALA A 400 -1.47 -22.46 11.85
N LEU A 401 -0.59 -21.66 11.25
CA LEU A 401 -1.01 -20.69 10.24
C LEU A 401 -1.59 -21.44 9.07
N LYS A 402 -2.75 -21.01 8.58
CA LYS A 402 -3.34 -21.61 7.40
C LYS A 402 -3.50 -20.58 6.29
N ARG A 403 -3.17 -21.00 5.07
CA ARG A 403 -3.30 -20.20 3.88
C ARG A 403 -4.78 -20.04 3.57
N ASN A 404 -5.14 -18.90 2.98
CA ASN A 404 -6.54 -18.57 2.71
C ASN A 404 -6.69 -17.93 1.35
N GLU A 405 -7.51 -18.54 0.49
CA GLU A 405 -7.59 -18.12 -0.92
C GLU A 405 -8.15 -16.71 -1.08
N GLY A 406 -8.97 -16.28 -0.12
CA GLY A 406 -9.53 -14.93 -0.15
C GLY A 406 -8.53 -13.84 0.18
N PHE A 407 -7.44 -14.20 0.86
CA PHE A 407 -6.49 -13.23 1.38
C PHE A 407 -5.56 -12.72 0.27
N MET A 408 -5.93 -11.59 -0.33
CA MET A 408 -5.14 -10.97 -1.37
C MET A 408 -5.02 -9.43 -1.20
N PRO A 409 -4.53 -8.98 -0.03
CA PRO A 409 -4.37 -7.54 0.24
C PRO A 409 -3.34 -6.85 -0.66
N PHE A 410 -2.34 -7.60 -1.11
CA PHE A 410 -1.32 -7.11 -2.02
C PHE A 410 -1.68 -7.38 -3.48
N SER A 411 -2.93 -7.72 -3.74
CA SER A 411 -3.35 -8.16 -5.06
C SER A 411 -2.67 -9.48 -5.44
N LEU A 412 -2.67 -9.77 -6.74
CA LEU A 412 -2.23 -11.06 -7.29
C LEU A 412 -1.67 -10.84 -8.69
N GLY A 413 -0.84 -11.78 -9.15
CA GLY A 413 -0.43 -11.82 -10.55
C GLY A 413 0.90 -11.13 -10.78
N LYS A 414 1.06 -10.59 -11.99
CA LYS A 414 2.32 -9.97 -12.37
C LYS A 414 2.51 -8.58 -11.75
N ARG A 415 1.41 -7.95 -11.37
CA ARG A 415 1.46 -6.63 -10.73
C ARG A 415 1.47 -6.70 -9.20
N ILE A 416 1.48 -7.91 -8.65
CA ILE A 416 1.42 -8.10 -7.21
C ILE A 416 2.40 -7.13 -6.54
N CYS A 417 2.00 -6.57 -5.40
CA CYS A 417 2.83 -5.57 -4.72
C CYS A 417 4.32 -5.91 -4.77
N LEU A 418 5.09 -5.08 -5.46
CA LEU A 418 6.53 -5.22 -5.54
C LEU A 418 7.19 -5.22 -4.15
N GLY A 419 6.57 -4.56 -3.17
CA GLY A 419 7.10 -4.50 -1.81
C GLY A 419 6.50 -5.44 -0.77
N GLU A 420 5.74 -6.44 -1.22
CA GLU A 420 5.04 -7.36 -0.31
C GLU A 420 5.91 -7.87 0.84
N GLY A 421 7.10 -8.38 0.51
CA GLY A 421 8.01 -8.90 1.52
C GLY A 421 8.53 -7.84 2.47
N ILE A 422 8.74 -6.63 1.93
CA ILE A 422 9.18 -5.50 2.75
C ILE A 422 8.03 -5.07 3.65
N ALA A 423 6.83 -4.97 3.10
CA ALA A 423 5.64 -4.61 3.86
C ALA A 423 5.40 -5.60 5.00
N ARG A 424 5.35 -6.89 4.69
CA ARG A 424 5.09 -7.90 5.70
C ARG A 424 6.16 -7.94 6.78
N THR A 425 7.41 -7.72 6.42
CA THR A 425 8.51 -7.65 7.38
C THR A 425 8.38 -6.46 8.35
N GLU A 426 8.07 -5.29 7.82
CA GLU A 426 7.79 -4.12 8.67
C GLU A 426 6.67 -4.43 9.65
N LEU A 427 5.55 -4.92 9.11
CA LEU A 427 4.38 -5.29 9.91
C LEU A 427 4.77 -6.20 11.07
N PHE A 428 5.44 -7.30 10.78
CA PHE A 428 5.85 -8.23 11.82
C PHE A 428 6.81 -7.62 12.84
N LEU A 429 7.87 -6.99 12.36
CA LEU A 429 8.90 -6.47 13.26
C LEU A 429 8.43 -5.24 14.07
N PHE A 430 7.62 -4.37 13.47
CA PHE A 430 7.10 -3.22 14.21
C PHE A 430 6.08 -3.65 15.26
N PHE A 431 5.06 -4.39 14.86
CA PHE A 431 4.08 -4.91 15.82
C PHE A 431 4.74 -5.63 17.01
N THR A 432 5.65 -6.55 16.73
CA THR A 432 6.22 -7.38 17.79
C THR A 432 7.23 -6.62 18.64
N THR A 433 8.04 -5.78 18.00
CA THR A 433 9.02 -5.00 18.74
C THR A 433 8.32 -4.00 19.65
N ILE A 434 7.26 -3.35 19.15
CA ILE A 434 6.47 -2.46 20.00
C ILE A 434 5.82 -3.22 21.16
N LEU A 435 5.09 -4.29 20.86
CA LEU A 435 4.36 -5.03 21.91
C LEU A 435 5.29 -5.74 22.90
N GLN A 436 6.49 -6.11 22.47
CA GLN A 436 7.48 -6.69 23.37
C GLN A 436 7.88 -5.70 24.46
N ASN A 437 7.90 -4.41 24.11
CA ASN A 437 8.39 -3.36 25.01
C ASN A 437 7.29 -2.58 25.71
N PHE A 438 6.11 -2.52 25.09
CA PHE A 438 5.01 -1.72 25.60
C PHE A 438 3.67 -2.46 25.62
N SER A 439 2.91 -2.24 26.69
CA SER A 439 1.49 -2.52 26.68
C SER A 439 0.79 -1.22 26.33
N ILE A 440 -0.50 -1.30 26.07
CA ILE A 440 -1.20 -0.17 25.49
C ILE A 440 -2.53 0.12 26.17
N ALA A 441 -2.92 1.39 26.14
CA ALA A 441 -4.15 1.84 26.75
C ALA A 441 -4.60 3.09 26.01
N SER A 442 -5.85 3.50 26.23
CA SER A 442 -6.34 4.76 25.68
C SER A 442 -7.56 5.23 26.46
N PRO A 443 -7.95 6.50 26.30
CA PRO A 443 -9.11 7.03 27.04
C PRO A 443 -10.43 6.35 26.74
N VAL A 444 -10.56 5.76 25.55
CA VAL A 444 -11.82 5.19 25.10
C VAL A 444 -11.94 3.72 25.49
N PRO A 445 -13.00 3.35 26.22
CA PRO A 445 -13.23 1.94 26.53
C PRO A 445 -13.27 1.07 25.26
N PRO A 446 -12.68 -0.14 25.30
CA PRO A 446 -12.70 -1.01 24.12
C PRO A 446 -14.08 -1.10 23.46
N GLU A 447 -15.12 -1.28 24.27
CA GLU A 447 -16.50 -1.38 23.76
C GLU A 447 -16.96 -0.13 22.99
N ASP A 448 -16.41 1.04 23.34
CA ASP A 448 -16.76 2.29 22.67
C ASP A 448 -15.90 2.61 21.44
N ILE A 449 -14.84 1.84 21.21
CA ILE A 449 -13.97 2.08 20.05
C ILE A 449 -14.68 1.68 18.76
N ASP A 450 -14.77 2.64 17.83
CA ASP A 450 -15.46 2.48 16.57
C ASP A 450 -14.43 2.24 15.47
N LEU A 451 -14.54 1.09 14.80
CA LEU A 451 -13.59 0.70 13.76
C LEU A 451 -13.99 1.19 12.36
N THR A 452 -15.22 1.66 12.20
CA THR A 452 -15.71 2.12 10.90
C THR A 452 -14.88 3.30 10.38
N PRO A 453 -14.41 3.22 9.11
CA PRO A 453 -13.55 4.28 8.53
C PRO A 453 -14.23 5.65 8.32
N ARG A 454 -13.44 6.60 7.81
CA ARG A 454 -13.93 7.96 7.56
C ARG A 454 -14.90 8.02 6.37
N GLY A 457 -12.55 9.06 0.93
CA GLY A 457 -13.65 8.57 0.10
C GLY A 457 -13.30 7.22 -0.52
N VAL A 458 -12.42 7.24 -1.53
CA VAL A 458 -11.92 5.99 -2.15
C VAL A 458 -10.95 5.26 -1.22
N GLY A 459 -10.39 6.01 -0.27
CA GLY A 459 -9.59 5.42 0.80
C GLY A 459 -10.48 4.80 1.86
N ASN A 460 -9.90 3.87 2.62
CA ASN A 460 -10.60 3.21 3.72
C ASN A 460 -9.90 3.59 5.04
N VAL A 461 -9.71 4.90 5.25
CA VAL A 461 -8.84 5.40 6.31
C VAL A 461 -9.51 5.33 7.70
N PRO A 462 -8.80 4.76 8.70
CA PRO A 462 -9.39 4.63 10.03
C PRO A 462 -9.40 5.95 10.77
N PRO A 463 -10.36 6.13 11.70
CA PRO A 463 -10.47 7.38 12.44
C PRO A 463 -9.25 7.65 13.31
N SER A 464 -8.98 8.91 13.61
CA SER A 464 -7.88 9.27 14.50
C SER A 464 -8.19 8.85 15.93
N TYR A 465 -7.14 8.62 16.71
CA TYR A 465 -7.31 8.15 18.09
C TYR A 465 -6.05 8.38 18.89
N GLN A 466 -6.19 8.35 20.21
CA GLN A 466 -5.08 8.51 21.13
C GLN A 466 -4.72 7.16 21.72
N ILE A 467 -3.45 7.01 22.08
CA ILE A 467 -2.94 5.79 22.66
C ILE A 467 -1.81 6.11 23.61
N ARG A 468 -1.67 5.28 24.65
CA ARG A 468 -0.51 5.31 25.52
C ARG A 468 0.33 4.07 25.26
N PHE A 469 1.64 4.24 25.36
CA PHE A 469 2.57 3.13 25.31
C PHE A 469 3.21 3.01 26.69
N LEU A 470 2.83 1.96 27.41
CA LEU A 470 3.22 1.76 28.79
C LEU A 470 4.39 0.77 28.85
N ALA A 471 5.57 1.28 29.18
CA ALA A 471 6.76 0.44 29.24
C ALA A 471 6.56 -0.75 30.18
N ARG A 472 7.17 -1.88 29.84
CA ARG A 472 7.00 -3.13 30.59
C ARG A 472 8.25 -3.50 31.40
N HIS A 473 8.08 -4.42 32.35
CA HIS A 473 9.17 -5.05 33.12
C HIS A 473 9.54 -4.28 34.39
#